data_2OI2
#
_entry.id   2OI2
#
_cell.length_a   101.597
_cell.length_b   101.597
_cell.length_c   83.280
_cell.angle_alpha   90.00
_cell.angle_beta   90.00
_cell.angle_gamma   120.00
#
_symmetry.space_group_name_H-M   'P 31 2 1'
#
loop_
_entity.id
_entity.type
_entity.pdbx_description
1 polymer 'Mevalonate kinase'
2 non-polymer 'MAGNESIUM ION'
3 non-polymer '(3R)-3-HYDROXY-5-{[(R)-HYDROXY(PHOSPHONOOXY)PHOSPHORYL]OXY}-3-METHYLPENTANOIC ACID'
4 water water
#
_entity_poly.entity_id   1
_entity_poly.type   'polypeptide(L)'
_entity_poly.pdbx_seq_one_letter_code
;MTKKVGVGQAHSKIILIGEHAVVYGYPAISLPLLEVEVTCKVVPAESPWRLYEEDTLSMAVYASLEYLNITEACIRCEID
SAIPEKRGMGSSAAISIAAIRAVFDYYQADLPHDVLEILVNRAEMIAHMNPSGLDAKTCLSDQPIRFIKNVGFTELEMDL
SAYLVIADTGVYGHTREAIQVVQNKGKDALPFLHALGELTQQAEIAISQKDAEGLGQILSQAHLHLKEIGVSSLEADSLV
ETALSHGALGAKMSGGGLGGCIIALVTNLTHAQELAERLEEKGAVQTWIESL
;
_entity_poly.pdbx_strand_id   A
#
loop_
_chem_comp.id
_chem_comp.type
_chem_comp.name
_chem_comp.formula
DP6 non-polymer '(3R)-3-HYDROXY-5-{[(R)-HYDROXY(PHOSPHONOOXY)PHOSPHORYL]OXY}-3-METHYLPENTANOIC ACID' 'C6 H14 O10 P2'
MG non-polymer 'MAGNESIUM ION' 'Mg 2'
#
# COMPACT_ATOMS: atom_id res chain seq x y z
N LYS A 4 -7.33 -25.86 -18.52
CA LYS A 4 -6.14 -25.05 -18.02
C LYS A 4 -6.55 -23.61 -17.69
N VAL A 5 -6.09 -23.17 -16.52
CA VAL A 5 -6.36 -21.85 -15.95
C VAL A 5 -5.06 -21.30 -15.37
N GLY A 6 -4.81 -20.00 -15.57
CA GLY A 6 -3.57 -19.45 -15.04
C GLY A 6 -3.89 -18.77 -13.72
N VAL A 7 -2.99 -18.91 -12.75
CA VAL A 7 -3.19 -18.29 -11.44
C VAL A 7 -1.90 -17.62 -10.92
N GLY A 8 -2.04 -16.50 -10.24
CA GLY A 8 -0.88 -15.82 -9.70
C GLY A 8 -1.27 -15.22 -8.38
N GLN A 9 -0.34 -15.07 -7.44
CA GLN A 9 -0.70 -14.51 -6.14
C GLN A 9 0.37 -13.61 -5.49
N ALA A 10 0.00 -12.41 -5.06
CA ALA A 10 0.96 -11.50 -4.49
C ALA A 10 0.62 -11.17 -3.06
N HIS A 11 1.62 -10.81 -2.25
CA HIS A 11 1.29 -10.40 -0.90
C HIS A 11 1.20 -8.86 -0.93
N SER A 12 0.68 -8.22 0.12
CA SER A 12 0.57 -6.77 0.11
C SER A 12 1.52 -6.10 1.10
N LYS A 13 1.24 -4.85 1.42
CA LYS A 13 2.09 -4.15 2.37
C LYS A 13 1.30 -2.99 2.98
N ILE A 14 1.91 -2.27 3.91
CA ILE A 14 1.25 -1.12 4.54
C ILE A 14 2.31 -0.07 4.80
N ILE A 15 1.97 1.19 4.56
CA ILE A 15 2.95 2.23 4.80
C ILE A 15 2.86 2.77 6.20
N LEU A 16 3.96 2.67 6.93
CA LEU A 16 4.06 3.17 8.29
C LEU A 16 4.04 4.71 8.25
N ILE A 17 4.86 5.27 7.35
CA ILE A 17 4.99 6.71 7.23
C ILE A 17 5.91 7.13 6.05
N GLY A 18 5.52 8.24 5.42
CA GLY A 18 6.23 8.77 4.28
C GLY A 18 5.29 8.87 3.10
N GLU A 19 4.03 8.51 3.27
CA GLU A 19 3.02 8.59 2.20
C GLU A 19 3.11 9.95 1.55
N HIS A 20 2.88 10.03 0.25
CA HIS A 20 2.92 11.32 -0.42
C HIS A 20 4.25 12.05 -0.42
N ALA A 21 4.92 12.15 0.73
CA ALA A 21 6.22 12.80 0.80
C ALA A 21 7.27 12.01 0.00
N VAL A 22 7.11 10.69 -0.06
CA VAL A 22 8.04 9.84 -0.78
C VAL A 22 8.03 10.28 -2.24
N VAL A 23 6.90 10.80 -2.69
CA VAL A 23 6.78 11.23 -4.06
C VAL A 23 7.79 12.35 -4.36
N TYR A 24 8.27 13.04 -3.34
CA TYR A 24 9.19 14.12 -3.60
C TYR A 24 10.59 13.86 -3.11
N GLY A 25 10.89 12.58 -2.98
CA GLY A 25 12.21 12.18 -2.60
C GLY A 25 12.50 12.08 -1.15
N TYR A 26 11.46 12.04 -0.33
CA TYR A 26 11.64 11.93 1.09
C TYR A 26 11.50 10.49 1.48
N PRO A 27 12.17 10.08 2.56
CA PRO A 27 12.09 8.67 2.98
C PRO A 27 10.70 8.17 3.35
N ALA A 28 10.53 6.86 3.27
CA ALA A 28 9.27 6.24 3.63
C ALA A 28 9.60 4.89 4.20
N ILE A 29 8.87 4.51 5.24
CA ILE A 29 9.09 3.23 5.88
C ILE A 29 7.84 2.38 5.67
N SER A 30 7.99 1.16 5.15
CA SER A 30 6.84 0.31 4.94
C SER A 30 7.07 -1.16 5.32
N LEU A 31 5.98 -1.84 5.64
CA LEU A 31 6.04 -3.20 6.16
C LEU A 31 5.33 -4.24 5.27
N PRO A 32 6.03 -5.32 4.92
CA PRO A 32 5.41 -6.37 4.10
C PRO A 32 4.19 -6.88 4.83
N LEU A 33 3.16 -7.29 4.12
CA LEU A 33 1.99 -7.86 4.77
C LEU A 33 1.93 -9.26 4.19
N LEU A 34 2.86 -10.10 4.59
CA LEU A 34 2.96 -11.46 4.05
C LEU A 34 1.71 -12.31 4.05
N GLU A 35 0.88 -12.21 5.09
CA GLU A 35 -0.38 -12.99 5.12
C GLU A 35 -1.59 -12.27 4.42
N VAL A 36 -1.40 -11.07 3.85
CA VAL A 36 -2.49 -10.37 3.14
C VAL A 36 -2.19 -10.57 1.65
N GLU A 37 -2.86 -11.52 1.03
CA GLU A 37 -2.58 -11.82 -0.37
C GLU A 37 -3.68 -11.59 -1.35
N VAL A 38 -3.29 -11.47 -2.61
CA VAL A 38 -4.21 -11.21 -3.71
C VAL A 38 -4.02 -12.31 -4.71
N THR A 39 -5.09 -12.69 -5.36
CA THR A 39 -5.01 -13.77 -6.31
C THR A 39 -5.71 -13.42 -7.60
N CYS A 40 -5.14 -13.80 -8.73
CA CYS A 40 -5.82 -13.53 -9.98
C CYS A 40 -5.82 -14.82 -10.73
N LYS A 41 -6.95 -15.06 -11.42
CA LYS A 41 -7.08 -16.20 -12.30
C LYS A 41 -7.21 -15.70 -13.75
N VAL A 42 -6.66 -16.49 -14.66
CA VAL A 42 -6.73 -16.18 -16.08
C VAL A 42 -7.41 -17.36 -16.77
N VAL A 43 -8.39 -17.05 -17.63
CA VAL A 43 -9.11 -18.09 -18.34
C VAL A 43 -9.32 -17.83 -19.80
N PRO A 44 -9.66 -18.90 -20.54
CA PRO A 44 -9.91 -18.85 -21.97
C PRO A 44 -11.12 -18.00 -22.20
N ALA A 45 -11.20 -17.45 -23.39
CA ALA A 45 -12.33 -16.61 -23.72
C ALA A 45 -12.66 -16.75 -25.22
N GLU A 46 -13.90 -16.38 -25.58
CA GLU A 46 -14.36 -16.40 -26.98
C GLU A 46 -13.57 -15.31 -27.74
N SER A 47 -13.99 -14.07 -27.51
CA SER A 47 -13.34 -12.94 -28.15
C SER A 47 -11.96 -12.63 -27.52
N PRO A 48 -11.09 -11.90 -28.27
CA PRO A 48 -9.74 -11.54 -27.77
C PRO A 48 -9.90 -10.52 -26.64
N TRP A 49 -8.84 -10.38 -25.82
CA TRP A 49 -8.85 -9.46 -24.65
C TRP A 49 -8.65 -8.02 -25.07
N ARG A 50 -9.43 -7.11 -24.50
CA ARG A 50 -9.30 -5.71 -24.87
C ARG A 50 -8.99 -4.82 -23.70
N LEU A 51 -8.67 -3.57 -24.00
CA LEU A 51 -8.29 -2.61 -22.98
C LEU A 51 -9.35 -1.60 -22.86
N TYR A 52 -10.09 -1.61 -21.75
CA TYR A 52 -11.16 -0.64 -21.60
C TYR A 52 -10.65 0.42 -20.60
N GLU A 53 -9.84 0.02 -19.63
CA GLU A 53 -9.34 1.03 -18.70
C GLU A 53 -7.91 1.10 -18.31
N GLU A 54 -7.54 2.24 -17.70
CA GLU A 54 -6.18 2.48 -17.26
C GLU A 54 -5.99 2.09 -15.80
N ASP A 55 -6.70 1.06 -15.35
CA ASP A 55 -6.56 0.56 -13.97
C ASP A 55 -5.39 -0.46 -13.92
N THR A 56 -4.68 -0.51 -12.81
CA THR A 56 -3.50 -1.38 -12.73
C THR A 56 -3.65 -2.88 -13.10
N LEU A 57 -4.86 -3.42 -13.04
CA LEU A 57 -5.01 -4.81 -13.43
C LEU A 57 -4.88 -4.93 -14.94
N SER A 58 -5.79 -4.26 -15.65
CA SER A 58 -5.81 -4.31 -17.12
C SER A 58 -4.44 -3.96 -17.65
N MET A 59 -3.80 -3.04 -16.96
CA MET A 59 -2.49 -2.56 -17.32
C MET A 59 -1.47 -3.63 -17.08
N ALA A 60 -1.62 -4.43 -16.06
CA ALA A 60 -0.66 -5.51 -15.84
C ALA A 60 -0.82 -6.55 -16.98
N VAL A 61 -2.06 -6.79 -17.37
CA VAL A 61 -2.31 -7.75 -18.45
C VAL A 61 -1.61 -7.27 -19.73
N TYR A 62 -1.93 -6.04 -20.11
CA TYR A 62 -1.36 -5.44 -21.29
C TYR A 62 0.17 -5.51 -21.29
N ALA A 63 0.79 -5.04 -20.22
CA ALA A 63 2.24 -5.03 -20.11
C ALA A 63 2.80 -6.43 -20.22
N SER A 64 2.01 -7.42 -19.78
CA SER A 64 2.45 -8.80 -19.83
C SER A 64 2.32 -9.28 -21.23
N LEU A 65 1.20 -8.94 -21.86
CA LEU A 65 1.02 -9.39 -23.23
C LEU A 65 2.03 -8.74 -24.16
N GLU A 66 2.28 -7.46 -23.96
CA GLU A 66 3.23 -6.75 -24.81
C GLU A 66 4.56 -7.45 -24.74
N TYR A 67 4.94 -7.83 -23.53
CA TYR A 67 6.20 -8.53 -23.27
C TYR A 67 6.25 -9.86 -24.01
N LEU A 68 5.24 -10.67 -23.76
CA LEU A 68 5.14 -11.98 -24.41
C LEU A 68 4.96 -11.84 -25.92
N ASN A 69 4.52 -10.67 -26.33
CA ASN A 69 4.28 -10.42 -27.75
C ASN A 69 3.03 -11.16 -28.19
N ILE A 70 1.93 -10.87 -27.55
CA ILE A 70 0.70 -11.55 -27.90
C ILE A 70 -0.28 -10.44 -28.04
N THR A 71 -0.89 -10.34 -29.21
CA THR A 71 -1.88 -9.31 -29.42
C THR A 71 -3.27 -9.92 -29.31
N GLU A 72 -3.37 -11.14 -29.80
CA GLU A 72 -4.66 -11.80 -29.72
C GLU A 72 -4.62 -12.75 -28.57
N ALA A 73 -4.99 -12.22 -27.41
CA ALA A 73 -5.01 -13.04 -26.21
C ALA A 73 -6.47 -13.29 -25.93
N CYS A 74 -6.95 -14.47 -26.36
CA CYS A 74 -8.36 -14.84 -26.14
C CYS A 74 -8.43 -15.33 -24.70
N ILE A 75 -8.37 -14.36 -23.77
CA ILE A 75 -8.39 -14.67 -22.34
C ILE A 75 -9.09 -13.57 -21.51
N ARG A 76 -9.48 -13.95 -20.30
CA ARG A 76 -10.10 -13.03 -19.35
C ARG A 76 -9.27 -13.21 -18.06
N CYS A 77 -9.04 -12.12 -17.34
CA CYS A 77 -8.24 -12.14 -16.12
C CYS A 77 -8.99 -11.43 -15.01
N GLU A 78 -9.69 -12.18 -14.15
CA GLU A 78 -10.47 -11.59 -13.06
C GLU A 78 -9.60 -11.65 -11.81
N ILE A 79 -10.12 -11.05 -10.74
CA ILE A 79 -9.40 -10.95 -9.48
C ILE A 79 -10.07 -11.75 -8.37
N ASP A 80 -9.30 -12.63 -7.75
CA ASP A 80 -9.76 -13.54 -6.66
C ASP A 80 -10.64 -14.70 -7.17
N GLU A 85 -7.05 -13.02 1.02
CA GLU A 85 -8.06 -12.05 0.41
C GLU A 85 -7.94 -10.66 1.11
N LYS A 86 -8.86 -10.36 2.05
CA LYS A 86 -8.82 -9.05 2.77
C LYS A 86 -8.82 -7.90 1.67
N ARG A 87 -9.96 -7.82 0.95
CA ARG A 87 -10.25 -6.91 -0.18
C ARG A 87 -9.41 -5.59 -0.33
N GLY A 88 -9.89 -4.51 0.31
CA GLY A 88 -9.25 -3.22 0.22
C GLY A 88 -7.82 -3.15 0.75
N MET A 89 -7.32 -4.25 1.30
CA MET A 89 -5.94 -4.20 1.80
C MET A 89 -4.87 -4.57 0.77
N GLY A 90 -5.35 -4.92 -0.43
CA GLY A 90 -4.43 -5.23 -1.51
C GLY A 90 -4.11 -3.94 -2.24
N SER A 91 -2.84 -3.61 -2.42
CA SER A 91 -2.49 -2.37 -3.10
C SER A 91 -2.45 -2.44 -4.63
N SER A 92 -2.20 -1.29 -5.26
CA SER A 92 -2.12 -1.20 -6.70
C SER A 92 -1.05 -2.16 -7.23
N ALA A 93 0.13 -2.14 -6.62
CA ALA A 93 1.22 -3.02 -7.01
C ALA A 93 0.86 -4.48 -6.75
N ALA A 94 0.28 -4.76 -5.60
CA ALA A 94 -0.12 -6.11 -5.25
C ALA A 94 -1.01 -6.69 -6.32
N ILE A 95 -1.93 -5.89 -6.83
CA ILE A 95 -2.79 -6.38 -7.88
C ILE A 95 -2.01 -6.61 -9.15
N SER A 96 -1.05 -5.74 -9.43
CA SER A 96 -0.25 -5.87 -10.61
C SER A 96 0.55 -7.16 -10.61
N ILE A 97 1.21 -7.44 -9.49
CA ILE A 97 2.04 -8.61 -9.32
C ILE A 97 1.29 -9.89 -9.51
N ALA A 98 0.10 -9.92 -8.92
CA ALA A 98 -0.71 -11.10 -8.98
C ALA A 98 -1.15 -11.43 -10.42
N ALA A 99 -1.57 -10.39 -11.14
CA ALA A 99 -2.02 -10.54 -12.52
C ALA A 99 -0.92 -11.06 -13.41
N ILE A 100 0.23 -10.37 -13.37
CA ILE A 100 1.37 -10.71 -14.18
C ILE A 100 1.69 -12.17 -13.96
N ARG A 101 1.80 -12.58 -12.71
CA ARG A 101 2.09 -13.98 -12.39
C ARG A 101 1.02 -14.92 -12.98
N ALA A 102 -0.24 -14.55 -12.83
CA ALA A 102 -1.36 -15.33 -13.35
C ALA A 102 -1.26 -15.42 -14.85
N VAL A 103 -0.85 -14.34 -15.51
CA VAL A 103 -0.75 -14.36 -16.97
C VAL A 103 0.41 -15.26 -17.47
N PHE A 104 1.58 -15.05 -16.90
CA PHE A 104 2.69 -15.86 -17.33
C PHE A 104 2.39 -17.32 -17.04
N ASP A 105 1.78 -17.59 -15.89
CA ASP A 105 1.47 -18.94 -15.46
C ASP A 105 0.50 -19.59 -16.40
N TYR A 106 -0.45 -18.80 -16.88
CA TYR A 106 -1.40 -19.31 -17.82
C TYR A 106 -0.56 -19.74 -19.01
N TYR A 107 0.14 -18.81 -19.64
CA TYR A 107 0.97 -19.19 -20.79
C TYR A 107 2.15 -20.08 -20.42
N GLN A 108 2.33 -20.36 -19.15
CA GLN A 108 3.49 -21.16 -18.80
C GLN A 108 4.75 -20.50 -19.38
N ALA A 109 4.85 -19.18 -19.28
CA ALA A 109 6.01 -18.45 -19.75
C ALA A 109 7.01 -18.30 -18.59
N ASP A 110 8.29 -18.27 -18.94
CA ASP A 110 9.36 -18.11 -17.98
C ASP A 110 9.23 -16.69 -17.42
N LEU A 111 9.50 -16.51 -16.13
CA LEU A 111 9.40 -15.19 -15.54
C LEU A 111 10.45 -14.95 -14.43
N PRO A 112 11.62 -14.38 -14.78
CA PRO A 112 12.62 -14.13 -13.74
C PRO A 112 12.09 -13.00 -12.88
N HIS A 113 12.60 -12.90 -11.67
CA HIS A 113 12.16 -11.87 -10.76
C HIS A 113 12.42 -10.44 -11.29
N ASP A 114 13.49 -10.25 -12.08
CA ASP A 114 13.78 -8.92 -12.64
C ASP A 114 12.66 -8.48 -13.53
N VAL A 115 12.27 -9.39 -14.41
CA VAL A 115 11.23 -9.11 -15.35
C VAL A 115 9.96 -8.76 -14.63
N LEU A 116 9.58 -9.56 -13.65
CA LEU A 116 8.36 -9.29 -12.94
C LEU A 116 8.37 -7.87 -12.42
N GLU A 117 9.43 -7.57 -11.67
CA GLU A 117 9.56 -6.27 -11.09
C GLU A 117 9.53 -5.19 -12.13
N ILE A 118 10.12 -5.46 -13.28
CA ILE A 118 10.08 -4.47 -14.33
C ILE A 118 8.66 -4.28 -14.84
N LEU A 119 7.93 -5.37 -15.00
CA LEU A 119 6.57 -5.24 -15.48
C LEU A 119 5.57 -4.71 -14.44
N VAL A 120 5.80 -4.95 -13.16
CA VAL A 120 4.83 -4.44 -12.21
C VAL A 120 4.95 -2.91 -12.25
N ASN A 121 6.18 -2.41 -12.20
CA ASN A 121 6.34 -0.97 -12.20
C ASN A 121 5.87 -0.31 -13.46
N ARG A 122 5.98 -1.00 -14.58
CA ARG A 122 5.55 -0.43 -15.84
C ARG A 122 4.05 -0.35 -15.86
N ALA A 123 3.38 -1.39 -15.40
CA ALA A 123 1.94 -1.37 -15.38
C ALA A 123 1.45 -0.22 -14.50
N GLU A 124 2.06 -0.08 -13.32
CA GLU A 124 1.71 0.99 -12.39
C GLU A 124 1.83 2.35 -13.07
N MET A 125 2.89 2.50 -13.85
CA MET A 125 3.16 3.74 -14.54
C MET A 125 2.16 4.05 -15.68
N ILE A 126 1.85 3.05 -16.48
CA ILE A 126 0.88 3.24 -17.55
C ILE A 126 -0.52 3.29 -16.99
N ALA A 127 -0.70 2.86 -15.73
CA ALA A 127 -2.00 2.96 -15.11
C ALA A 127 -2.10 4.39 -14.51
N HIS A 128 -1.02 5.18 -14.72
CA HIS A 128 -0.92 6.56 -14.26
C HIS A 128 -1.00 6.72 -12.75
N MET A 129 -0.47 5.74 -12.04
CA MET A 129 -0.50 5.71 -10.60
C MET A 129 0.61 6.54 -9.99
N ASN A 130 1.57 6.90 -10.83
CA ASN A 130 2.73 7.69 -10.44
C ASN A 130 3.51 7.05 -9.29
N PRO A 131 3.85 5.76 -9.42
CA PRO A 131 4.60 5.03 -8.39
C PRO A 131 5.91 5.68 -8.00
N SER A 132 6.18 5.71 -6.71
CA SER A 132 7.44 6.22 -6.21
C SER A 132 8.37 5.01 -6.31
N GLY A 133 7.76 3.85 -6.49
CA GLY A 133 8.46 2.59 -6.55
C GLY A 133 8.32 1.88 -5.20
N LEU A 134 7.68 2.53 -4.23
CA LEU A 134 7.55 1.94 -2.90
C LEU A 134 6.55 0.82 -2.70
N ASP A 135 5.42 0.93 -3.36
CA ASP A 135 4.33 -0.03 -3.25
C ASP A 135 4.90 -1.33 -3.76
N ALA A 136 5.28 -1.32 -5.03
CA ALA A 136 5.82 -2.50 -5.66
C ALA A 136 6.97 -3.10 -4.88
N LYS A 137 7.90 -2.25 -4.49
CA LYS A 137 9.06 -2.71 -3.79
C LYS A 137 8.71 -3.49 -2.55
N THR A 138 7.84 -2.93 -1.72
CA THR A 138 7.46 -3.58 -0.48
C THR A 138 6.66 -4.87 -0.71
N CYS A 139 5.85 -4.90 -1.76
CA CYS A 139 5.07 -6.09 -2.08
C CYS A 139 5.95 -7.28 -2.55
N LEU A 140 7.21 -6.96 -2.83
CA LEU A 140 8.20 -7.95 -3.28
C LEU A 140 9.23 -8.14 -2.21
N SER A 141 9.03 -7.49 -1.08
CA SER A 141 10.00 -7.67 -0.01
C SER A 141 9.37 -8.49 1.09
N ASP A 142 10.19 -9.05 1.96
CA ASP A 142 9.65 -9.80 3.08
C ASP A 142 10.18 -9.20 4.35
N GLN A 143 10.70 -7.96 4.26
CA GLN A 143 11.23 -7.27 5.43
C GLN A 143 10.82 -5.82 5.33
N PRO A 144 10.56 -5.15 6.46
CA PRO A 144 10.20 -3.75 6.36
C PRO A 144 11.35 -3.03 5.69
N ILE A 145 11.09 -1.90 5.05
CA ILE A 145 12.19 -1.22 4.41
C ILE A 145 12.12 0.27 4.56
N ARG A 146 13.27 0.92 4.35
CA ARG A 146 13.37 2.35 4.36
C ARG A 146 13.55 2.64 2.85
N PHE A 147 12.80 3.62 2.32
CA PHE A 147 12.81 3.88 0.89
C PHE A 147 12.87 5.35 0.44
N ILE A 148 13.58 5.58 -0.65
CA ILE A 148 13.66 6.88 -1.25
C ILE A 148 13.56 6.66 -2.75
N LYS A 149 12.67 7.40 -3.37
CA LYS A 149 12.42 7.30 -4.78
C LYS A 149 13.67 7.58 -5.63
N ASN A 150 13.87 6.77 -6.66
CA ASN A 150 14.99 6.96 -7.57
C ASN A 150 16.35 6.82 -6.95
N VAL A 151 16.42 6.28 -5.74
CA VAL A 151 17.69 6.08 -5.13
C VAL A 151 17.79 4.66 -4.57
N GLY A 152 16.90 4.26 -3.66
CA GLY A 152 17.00 2.91 -3.15
C GLY A 152 16.35 2.62 -1.82
N PHE A 153 16.64 1.46 -1.24
CA PHE A 153 16.05 1.10 0.04
C PHE A 153 16.96 0.25 0.85
N THR A 154 16.66 0.14 2.14
CA THR A 154 17.43 -0.65 3.08
C THR A 154 16.38 -1.36 3.91
N GLU A 155 16.67 -2.58 4.33
CA GLU A 155 15.72 -3.31 5.12
C GLU A 155 15.94 -2.84 6.54
N LEU A 156 14.86 -2.74 7.29
CA LEU A 156 14.94 -2.28 8.66
C LEU A 156 14.73 -3.38 9.65
N GLU A 157 15.36 -3.23 10.81
CA GLU A 157 15.17 -4.19 11.88
C GLU A 157 13.92 -3.62 12.54
N MET A 158 12.96 -4.47 12.86
CA MET A 158 11.72 -3.98 13.42
C MET A 158 11.28 -4.82 14.61
N ASP A 159 11.70 -4.49 15.81
CA ASP A 159 11.24 -5.32 16.89
C ASP A 159 10.80 -4.50 18.08
N LEU A 160 9.51 -4.21 18.11
CA LEU A 160 8.96 -3.41 19.16
C LEU A 160 8.03 -4.28 20.02
N SER A 161 7.86 -5.54 19.64
CA SER A 161 6.92 -6.35 20.41
C SER A 161 5.58 -5.58 20.52
N ALA A 162 5.21 -4.88 19.45
CA ALA A 162 3.97 -4.11 19.39
C ALA A 162 3.06 -4.75 18.33
N TYR A 163 1.87 -4.20 18.17
CA TYR A 163 0.96 -4.69 17.15
C TYR A 163 0.45 -3.52 16.43
N LEU A 164 0.21 -3.69 15.14
CA LEU A 164 -0.33 -2.64 14.33
C LEU A 164 -1.68 -3.15 13.86
N VAL A 165 -2.73 -2.39 14.12
CA VAL A 165 -4.07 -2.78 13.69
C VAL A 165 -4.38 -2.09 12.38
N ILE A 166 -4.75 -2.86 11.37
CA ILE A 166 -5.06 -2.22 10.10
C ILE A 166 -6.56 -2.26 9.85
N ALA A 167 -7.14 -1.11 9.50
CA ALA A 167 -8.57 -1.02 9.24
C ALA A 167 -8.81 -0.42 7.86
N ASP A 168 -9.72 -1.05 7.10
CA ASP A 168 -10.06 -0.60 5.76
C ASP A 168 -11.29 0.28 5.86
N THR A 169 -11.11 1.52 5.45
CA THR A 169 -12.12 2.53 5.46
C THR A 169 -13.35 2.17 4.64
N GLY A 170 -13.18 1.29 3.67
CA GLY A 170 -14.28 0.93 2.81
C GLY A 170 -14.31 1.80 1.56
N VAL A 171 -13.88 3.06 1.72
CA VAL A 171 -13.85 4.00 0.61
C VAL A 171 -12.68 3.63 -0.24
N TYR A 172 -12.92 3.38 -1.51
CA TYR A 172 -11.86 2.99 -2.40
C TYR A 172 -11.02 4.21 -2.58
N GLY A 173 -9.76 4.13 -2.18
CA GLY A 173 -8.84 5.25 -2.25
C GLY A 173 -8.64 5.90 -3.61
N HIS A 174 -8.77 7.23 -3.66
CA HIS A 174 -8.55 7.95 -4.90
C HIS A 174 -7.12 8.47 -4.88
N THR A 175 -6.18 7.53 -4.98
CA THR A 175 -4.76 7.83 -4.91
C THR A 175 -4.27 8.83 -5.94
N ARG A 176 -4.73 8.71 -7.18
CA ARG A 176 -4.30 9.65 -8.21
C ARG A 176 -4.74 11.05 -7.83
N GLU A 177 -6.00 11.20 -7.47
CA GLU A 177 -6.48 12.52 -7.12
C GLU A 177 -5.69 13.09 -5.97
N ALA A 178 -5.31 12.23 -5.02
CA ALA A 178 -4.53 12.69 -3.87
C ALA A 178 -3.15 13.22 -4.32
N ILE A 179 -2.48 12.48 -5.19
CA ILE A 179 -1.17 12.95 -5.68
C ILE A 179 -1.41 14.32 -6.35
N GLN A 180 -2.50 14.45 -7.10
CA GLN A 180 -2.87 15.72 -7.72
C GLN A 180 -2.95 16.90 -6.70
N VAL A 181 -3.68 16.69 -5.61
CA VAL A 181 -3.80 17.69 -4.55
C VAL A 181 -2.45 18.23 -4.07
N VAL A 182 -1.56 17.29 -3.74
CA VAL A 182 -0.26 17.66 -3.21
C VAL A 182 0.55 18.30 -4.30
N GLN A 183 0.32 17.87 -5.53
CA GLN A 183 1.06 18.44 -6.64
C GLN A 183 0.61 19.88 -6.91
N ASN A 184 -0.69 20.11 -6.88
CA ASN A 184 -1.25 21.42 -7.11
C ASN A 184 -0.90 22.42 -6.06
N LYS A 185 -0.55 21.97 -4.86
CA LYS A 185 -0.19 22.88 -3.77
C LYS A 185 1.15 23.58 -4.13
N GLY A 186 1.91 22.97 -5.03
CA GLY A 186 3.18 23.55 -5.42
C GLY A 186 4.03 23.81 -4.19
N LYS A 187 4.61 25.01 -4.13
CA LYS A 187 5.49 25.41 -3.02
C LYS A 187 4.83 25.39 -1.66
N ASP A 188 3.52 25.42 -1.63
CA ASP A 188 2.91 25.40 -0.32
C ASP A 188 2.93 24.00 0.33
N ALA A 189 3.50 23.03 -0.38
CA ALA A 189 3.57 21.68 0.15
C ALA A 189 4.91 21.47 0.83
N LEU A 190 5.86 22.38 0.55
CA LEU A 190 7.20 22.25 1.14
C LEU A 190 7.20 22.06 2.66
N PRO A 191 6.44 22.91 3.38
CA PRO A 191 6.38 22.79 4.83
C PRO A 191 5.82 21.41 5.16
N PHE A 192 4.84 20.95 4.41
CA PHE A 192 4.26 19.63 4.62
C PHE A 192 5.32 18.59 4.45
N LEU A 193 6.02 18.64 3.33
CA LEU A 193 7.11 17.71 3.04
C LEU A 193 8.21 17.75 4.11
N HIS A 194 8.59 18.95 4.48
CA HIS A 194 9.62 19.12 5.48
C HIS A 194 9.27 18.40 6.78
N ALA A 195 8.07 18.70 7.28
CA ALA A 195 7.55 18.16 8.51
C ALA A 195 7.50 16.64 8.49
N LEU A 196 7.24 16.11 7.31
CA LEU A 196 7.17 14.66 7.17
C LEU A 196 8.55 14.07 7.15
N GLY A 197 9.45 14.77 6.48
CA GLY A 197 10.82 14.29 6.43
C GLY A 197 11.32 14.07 7.84
N GLU A 198 11.10 15.06 8.70
CA GLU A 198 11.53 15.01 10.11
C GLU A 198 10.91 13.87 10.91
N LEU A 199 9.59 13.77 10.76
CA LEU A 199 8.85 12.77 11.46
C LEU A 199 9.35 11.39 11.10
N THR A 200 9.70 11.21 9.82
CA THR A 200 10.21 9.93 9.38
C THR A 200 11.57 9.68 10.04
N GLN A 201 12.33 10.73 10.27
CA GLN A 201 13.62 10.54 10.91
C GLN A 201 13.44 10.09 12.32
N GLN A 202 12.54 10.74 13.04
CA GLN A 202 12.33 10.36 14.41
C GLN A 202 11.75 8.97 14.43
N ALA A 203 10.91 8.69 13.45
CA ALA A 203 10.30 7.39 13.38
C ALA A 203 11.38 6.29 13.40
N GLU A 204 12.47 6.54 12.70
CA GLU A 204 13.58 5.58 12.67
C GLU A 204 14.21 5.49 14.04
N ILE A 205 14.45 6.64 14.64
CA ILE A 205 15.05 6.63 15.96
C ILE A 205 14.22 5.73 16.88
N ALA A 206 12.96 6.09 17.04
CA ALA A 206 12.03 5.37 17.91
C ALA A 206 12.11 3.90 17.66
N ILE A 207 12.15 3.53 16.39
CA ILE A 207 12.24 2.13 16.01
C ILE A 207 13.56 1.51 16.44
N SER A 208 14.57 2.36 16.36
CA SER A 208 15.90 2.01 16.74
C SER A 208 15.89 1.73 18.23
N GLN A 209 15.27 2.63 18.97
CA GLN A 209 15.18 2.49 20.41
C GLN A 209 14.04 1.60 20.91
N LYS A 210 13.29 1.01 19.98
CA LYS A 210 12.18 0.12 20.36
C LYS A 210 11.25 0.82 21.31
N ASP A 211 10.91 2.05 20.97
CA ASP A 211 10.05 2.87 21.77
C ASP A 211 8.68 3.05 21.08
N ALA A 212 7.80 2.07 21.21
CA ALA A 212 6.49 2.16 20.56
C ALA A 212 5.67 3.38 20.91
N GLU A 213 5.90 3.93 22.08
CA GLU A 213 5.14 5.09 22.49
C GLU A 213 5.60 6.23 21.69
N GLY A 214 6.91 6.46 21.72
CA GLY A 214 7.45 7.56 20.97
C GLY A 214 6.92 7.43 19.55
N LEU A 215 7.08 6.25 19.00
CA LEU A 215 6.62 5.98 17.66
C LEU A 215 5.16 6.36 17.47
N GLY A 216 4.30 5.83 18.32
CA GLY A 216 2.90 6.11 18.19
C GLY A 216 2.67 7.59 18.06
N GLN A 217 3.33 8.37 18.90
CA GLN A 217 3.15 9.82 18.86
C GLN A 217 3.43 10.40 17.50
N ILE A 218 4.56 9.98 16.95
CA ILE A 218 4.98 10.46 15.65
C ILE A 218 3.92 10.12 14.63
N LEU A 219 3.33 8.94 14.72
CA LEU A 219 2.32 8.59 13.75
C LEU A 219 1.10 9.51 13.78
N SER A 220 0.58 9.77 14.97
CA SER A 220 -0.56 10.65 15.09
C SER A 220 -0.21 11.98 14.37
N GLN A 221 0.95 12.51 14.67
CA GLN A 221 1.40 13.73 14.02
C GLN A 221 1.39 13.60 12.50
N ALA A 222 1.98 12.52 12.01
CA ALA A 222 2.01 12.32 10.58
C ALA A 222 0.61 12.46 10.02
N HIS A 223 -0.39 11.97 10.76
CA HIS A 223 -1.76 12.06 10.31
C HIS A 223 -2.30 13.48 10.22
N LEU A 224 -1.89 14.32 11.16
CA LEU A 224 -2.33 15.69 11.12
C LEU A 224 -1.79 16.38 9.88
N HIS A 225 -0.51 16.21 9.60
CA HIS A 225 0.01 16.85 8.41
C HIS A 225 -0.61 16.30 7.16
N LEU A 226 -0.89 15.01 7.12
CA LEU A 226 -1.54 14.45 5.95
C LEU A 226 -2.95 15.04 5.85
N LYS A 227 -3.60 15.19 7.00
CA LYS A 227 -4.94 15.76 7.03
C LYS A 227 -4.96 17.26 6.53
N GLU A 228 -4.07 18.09 7.07
CA GLU A 228 -3.98 19.51 6.69
C GLU A 228 -3.75 19.68 5.18
N ILE A 229 -2.74 19.00 4.66
CA ILE A 229 -2.43 19.12 3.26
C ILE A 229 -3.64 18.72 2.43
N GLY A 230 -4.59 18.04 3.06
CA GLY A 230 -5.78 17.67 2.34
C GLY A 230 -5.89 16.33 1.65
N VAL A 231 -5.19 15.28 2.12
CA VAL A 231 -5.30 13.95 1.50
C VAL A 231 -5.90 12.85 2.39
N SER A 232 -6.48 13.22 3.52
CA SER A 232 -7.15 12.26 4.41
C SER A 232 -8.60 12.14 3.96
N SER A 233 -9.47 11.67 4.86
CA SER A 233 -10.90 11.54 4.56
C SER A 233 -11.67 11.50 5.88
N LEU A 234 -12.97 11.75 5.80
CA LEU A 234 -13.74 11.76 7.00
C LEU A 234 -13.76 10.37 7.61
N GLU A 235 -13.90 9.36 6.77
CA GLU A 235 -13.91 8.00 7.26
C GLU A 235 -12.60 7.68 7.99
N ALA A 236 -11.49 8.00 7.35
CA ALA A 236 -10.18 7.79 7.95
C ALA A 236 -10.02 8.59 9.25
N ASP A 237 -10.38 9.86 9.20
CA ASP A 237 -10.26 10.70 10.37
C ASP A 237 -11.05 10.20 11.56
N SER A 238 -12.30 9.81 11.33
CA SER A 238 -13.12 9.34 12.44
C SER A 238 -12.62 8.01 12.96
N LEU A 239 -12.01 7.21 12.11
CA LEU A 239 -11.47 5.92 12.55
C LEU A 239 -10.24 6.15 13.41
N VAL A 240 -9.43 7.15 13.06
CA VAL A 240 -8.22 7.40 13.85
C VAL A 240 -8.67 7.89 15.20
N GLU A 241 -9.68 8.74 15.17
CA GLU A 241 -10.22 9.31 16.38
C GLU A 241 -10.68 8.22 17.31
N THR A 242 -11.35 7.23 16.74
CA THR A 242 -11.83 6.13 17.52
C THR A 242 -10.67 5.36 18.06
N ALA A 243 -9.66 5.24 17.22
CA ALA A 243 -8.43 4.55 17.57
C ALA A 243 -7.85 5.17 18.81
N LEU A 244 -7.60 6.48 18.72
CA LEU A 244 -7.03 7.27 19.79
C LEU A 244 -7.93 7.27 21.00
N SER A 245 -9.22 7.40 20.78
CA SER A 245 -10.08 7.45 21.94
C SER A 245 -10.19 6.10 22.62
N HIS A 246 -9.39 5.13 22.20
CA HIS A 246 -9.39 3.83 22.84
C HIS A 246 -8.00 3.38 23.32
N GLY A 247 -7.10 4.36 23.42
CA GLY A 247 -5.77 4.12 23.91
C GLY A 247 -4.73 3.69 22.89
N ALA A 248 -4.94 3.97 21.61
CA ALA A 248 -3.95 3.56 20.62
C ALA A 248 -2.71 4.39 20.84
N LEU A 249 -1.55 3.76 20.83
CA LEU A 249 -0.34 4.55 21.03
C LEU A 249 -0.28 5.68 19.99
N GLY A 250 -0.88 5.43 18.83
CA GLY A 250 -0.93 6.42 17.79
C GLY A 250 -1.75 5.88 16.64
N ALA A 251 -2.18 6.76 15.75
CA ALA A 251 -2.96 6.34 14.59
C ALA A 251 -2.89 7.35 13.43
N LYS A 252 -2.97 6.85 12.22
CA LYS A 252 -2.93 7.74 11.07
C LYS A 252 -3.46 6.96 9.92
N MET A 253 -3.61 7.64 8.81
CA MET A 253 -4.07 6.97 7.63
C MET A 253 -2.80 6.41 6.99
N SER A 254 -2.93 5.40 6.15
CA SER A 254 -1.76 4.85 5.48
C SER A 254 -2.14 4.60 4.02
N GLY A 255 -1.21 4.82 3.08
CA GLY A 255 -1.48 4.61 1.65
C GLY A 255 -1.68 5.88 0.84
N GLY A 256 -2.56 5.80 -0.16
CA GLY A 256 -2.81 6.95 -1.00
C GLY A 256 -3.72 8.08 -0.54
N GLY A 257 -4.49 7.83 0.52
CA GLY A 257 -5.38 8.84 1.05
C GLY A 257 -6.68 8.85 0.31
N LEU A 258 -7.52 9.82 0.65
CA LEU A 258 -8.85 10.00 0.07
C LEU A 258 -9.59 8.64 0.02
N GLY A 259 -9.49 7.89 1.11
CA GLY A 259 -10.12 6.58 1.19
C GLY A 259 -9.03 5.70 1.70
N GLY A 260 -9.16 4.39 1.52
CA GLY A 260 -8.11 3.48 1.94
C GLY A 260 -8.13 3.05 3.39
N CYS A 261 -6.95 2.81 3.98
CA CYS A 261 -6.82 2.32 5.35
C CYS A 261 -6.22 3.24 6.39
N ILE A 262 -6.39 2.79 7.62
CA ILE A 262 -5.93 3.44 8.82
C ILE A 262 -5.07 2.40 9.49
N ILE A 263 -4.07 2.86 10.25
CA ILE A 263 -3.24 1.94 11.02
C ILE A 263 -3.22 2.48 12.43
N ALA A 264 -3.15 1.60 13.42
CA ALA A 264 -3.08 2.04 14.79
C ALA A 264 -2.03 1.23 15.54
N LEU A 265 -1.29 1.88 16.42
CA LEU A 265 -0.22 1.22 17.16
C LEU A 265 -0.62 0.88 18.57
N VAL A 266 -0.24 -0.31 19.02
CA VAL A 266 -0.55 -0.82 20.34
C VAL A 266 0.54 -1.82 20.70
N THR A 267 0.68 -2.10 22.00
CA THR A 267 1.71 -3.03 22.42
C THR A 267 1.21 -4.28 23.09
N ASN A 268 -0.10 -4.42 23.15
CA ASN A 268 -0.75 -5.53 23.82
C ASN A 268 -1.79 -6.14 22.89
N LEU A 269 -1.85 -7.48 22.87
CA LEU A 269 -2.77 -8.27 22.04
C LEU A 269 -4.22 -8.11 22.41
N THR A 270 -4.53 -8.11 23.69
CA THR A 270 -5.93 -7.89 24.04
C THR A 270 -6.37 -6.53 23.42
N HIS A 271 -5.57 -5.52 23.66
CA HIS A 271 -5.83 -4.17 23.15
C HIS A 271 -6.01 -4.18 21.65
N ALA A 272 -5.15 -4.90 20.93
CA ALA A 272 -5.20 -4.94 19.49
C ALA A 272 -6.53 -5.50 19.01
N GLN A 273 -6.90 -6.66 19.53
CA GLN A 273 -8.14 -7.27 19.10
C GLN A 273 -9.28 -6.35 19.48
N GLU A 274 -9.20 -5.75 20.64
CA GLU A 274 -10.26 -4.87 21.07
C GLU A 274 -10.48 -3.71 20.10
N LEU A 275 -9.37 -3.11 19.68
CA LEU A 275 -9.35 -1.96 18.79
C LEU A 275 -9.94 -2.27 17.44
N ALA A 276 -9.56 -3.41 16.89
CA ALA A 276 -10.10 -3.75 15.59
C ALA A 276 -11.64 -3.88 15.67
N GLU A 277 -12.09 -4.56 16.71
CA GLU A 277 -13.49 -4.79 16.94
C GLU A 277 -14.14 -3.44 16.96
N ARG A 278 -13.70 -2.60 17.87
CA ARG A 278 -14.20 -1.24 18.05
C ARG A 278 -14.29 -0.51 16.70
N LEU A 279 -13.26 -0.68 15.89
CA LEU A 279 -13.17 -0.06 14.59
C LEU A 279 -14.19 -0.62 13.62
N GLU A 280 -14.25 -1.94 13.46
CA GLU A 280 -15.26 -2.48 12.57
C GLU A 280 -16.58 -1.94 13.10
N GLU A 281 -16.75 -2.00 14.41
CA GLU A 281 -17.98 -1.52 15.01
C GLU A 281 -18.31 -0.12 14.49
N LYS A 282 -17.30 0.71 14.32
CA LYS A 282 -17.54 2.06 13.85
C LYS A 282 -17.74 2.14 12.33
N GLY A 283 -17.59 1.04 11.60
CA GLY A 283 -17.79 1.14 10.17
C GLY A 283 -16.65 0.63 9.30
N ALA A 284 -15.51 0.22 9.92
CA ALA A 284 -14.42 -0.32 9.11
C ALA A 284 -14.90 -1.68 8.51
N VAL A 285 -14.68 -1.84 7.20
CA VAL A 285 -15.07 -3.03 6.44
C VAL A 285 -14.25 -4.29 6.78
N GLN A 286 -12.99 -4.06 7.17
CA GLN A 286 -12.08 -5.13 7.50
C GLN A 286 -10.97 -4.64 8.39
N THR A 287 -10.39 -5.56 9.15
CA THR A 287 -9.29 -5.21 10.03
C THR A 287 -8.22 -6.28 9.92
N TRP A 288 -7.02 -5.97 10.38
CA TRP A 288 -5.99 -6.97 10.37
C TRP A 288 -4.94 -6.53 11.37
N ILE A 289 -4.34 -7.49 12.06
CA ILE A 289 -3.33 -7.24 13.09
C ILE A 289 -1.98 -7.79 12.68
N GLU A 290 -1.02 -6.90 12.54
CA GLU A 290 0.31 -7.35 12.19
C GLU A 290 1.28 -7.15 13.38
N SER A 291 2.18 -8.12 13.57
CA SER A 291 3.20 -8.11 14.62
C SER A 291 4.30 -7.17 14.22
N LEU A 292 4.87 -6.53 15.23
CA LEU A 292 5.98 -5.59 15.07
C LEU A 292 6.96 -5.75 16.21
MG MG B . 0.01 2.08 -5.01
C3A DP6 C . 0.87 8.60 -2.58
O1A DP6 C . 0.52 2.44 -3.22
O2A DP6 C . -0.46 1.99 -0.92
O3A DP6 C . 3.14 8.10 -1.96
O1B DP6 C . -1.96 1.28 -4.09
O2B DP6 C . -3.44 3.33 -4.50
O3B DP6 C . -3.84 1.85 -2.42
PB DP6 C . -2.70 2.37 -3.44
O6 DP6 C . -1.76 3.35 -2.59
PA DP6 C . -0.29 2.91 -2.07
O5 DP6 C . 0.27 4.32 -1.54
C5 DP6 C . 0.63 5.36 -2.44
C4 DP6 C . 1.51 6.36 -1.70
C3 DP6 C . 1.98 7.54 -2.55
C2 DP6 C . 2.30 7.09 -3.99
C1 DP6 C . 3.56 6.21 -4.13
O1 DP6 C . 3.57 5.24 -4.88
O2 DP6 C . 4.57 6.50 -3.51
#